data_6TOD
#
_entry.id   6TOD
#
_cell.length_a   57.907
_cell.length_b   158.891
_cell.length_c   182.354
_cell.angle_alpha   90
_cell.angle_beta   95.77
_cell.angle_gamma   90
#
_symmetry.space_group_name_H-M   'I 1 2 1'
#
loop_
_entity.id
_entity.type
_entity.pdbx_description
1 polymer 'Orexin receptor type 1'
2 non-polymer N-ethyl-2-[(6-methoxypyridin-3-yl)-(2-methylphenyl)sulfonyl-amino]-N-(pyridin-3-ylmethyl)ethanamide
3 non-polymer 'SULFATE ION'
4 non-polymer 'TETRAETHYLENE GLYCOL'
5 non-polymer 'CITRIC ACID'
6 non-polymer 'octyl 1-thio-beta-D-glucopyranoside'
7 non-polymer '(1R)-2-{[(S)-{[(2S)-2,3-dihydroxypropyl]oxy}(hydroxy)phosphoryl]oxy}-1-[(hexadecanoyloxy)methyl]ethyl (9Z)-octadec-9-enoate'
8 non-polymer 'SODIUM ION'
9 water water
#
_entity_poly.entity_id   1
_entity_poly.type   'polypeptide(L)'
_entity_poly.pdbx_seq_one_letter_code
;AASEDEFLRYLWRDYLYPKQYAWVLIAAYVAVFVVALVGNTLVCLAVWRNHHMRTVTNYFLVNLSLADVLATAICLPASL
LVDITESWLFGHALCKVIPYLQTVSVSVAVLTLSFIALDRWYAICHPLLFKSTARRALGSILGIWAVSLAIMVPQAAVME
CSSVLPELAARTRAFSVCDERWADDLAPKIYHSCFFIVTYLAPLGLMAMAYFQIFRKLWGRQIPGTTSAEVKQMRARRKT
AKMLMVVVLVFALCYLPISVLNVLKRVFGMFRQASDREAVYAAFTFSHWLVYANSAANPIIYNFLSGKFREQFKAAFSWW
LPGLAAAHHHHHHHHH
;
_entity_poly.pdbx_strand_id   A,B
#
# COMPACT_ATOMS: atom_id res chain seq x y z
N TYR A 21 34.70 18.48 -13.54
CA TYR A 21 33.86 17.88 -12.50
C TYR A 21 33.42 16.42 -12.84
N ALA A 22 33.60 16.00 -14.11
CA ALA A 22 33.28 14.66 -14.60
C ALA A 22 34.16 13.58 -13.95
N TRP A 23 35.48 13.86 -13.74
CA TRP A 23 36.40 12.93 -13.07
C TRP A 23 35.94 12.67 -11.64
N VAL A 24 35.52 13.74 -10.93
CA VAL A 24 35.05 13.71 -9.55
C VAL A 24 33.79 12.83 -9.46
N LEU A 25 32.86 12.99 -10.45
CA LEU A 25 31.62 12.23 -10.58
C LEU A 25 31.87 10.75 -10.91
N ILE A 26 32.79 10.45 -11.85
CA ILE A 26 33.16 9.08 -12.23
C ILE A 26 33.77 8.38 -11.01
N ALA A 27 34.72 9.05 -10.32
CA ALA A 27 35.38 8.53 -9.12
C ALA A 27 34.37 8.22 -8.01
N ALA A 28 33.41 9.14 -7.77
CA ALA A 28 32.36 9.00 -6.75
C ALA A 28 31.45 7.82 -7.06
N TYR A 29 31.11 7.64 -8.35
CA TYR A 29 30.30 6.53 -8.84
C TYR A 29 31.07 5.21 -8.74
N VAL A 30 32.39 5.22 -9.03
CA VAL A 30 33.28 4.04 -8.94
C VAL A 30 33.40 3.60 -7.47
N ALA A 31 33.68 4.55 -6.56
CA ALA A 31 33.81 4.32 -5.11
C ALA A 31 32.53 3.68 -4.56
N VAL A 32 31.36 4.24 -4.89
CA VAL A 32 30.03 3.79 -4.48
C VAL A 32 29.70 2.40 -5.04
N PHE A 33 29.99 2.15 -6.33
CA PHE A 33 29.78 0.87 -7.01
C PHE A 33 30.55 -0.26 -6.31
N VAL A 34 31.85 -0.03 -6.00
CA VAL A 34 32.75 -1.00 -5.35
C VAL A 34 32.32 -1.25 -3.91
N VAL A 35 32.12 -0.19 -3.11
CA VAL A 35 31.72 -0.33 -1.71
C VAL A 35 30.34 -1.02 -1.60
N ALA A 36 29.36 -0.67 -2.46
CA ALA A 36 28.03 -1.30 -2.45
C ALA A 36 28.08 -2.80 -2.81
N LEU A 37 28.80 -3.20 -3.88
CA LEU A 37 28.85 -4.63 -4.27
C LEU A 37 29.58 -5.49 -3.25
N VAL A 38 30.72 -5.00 -2.71
CA VAL A 38 31.48 -5.72 -1.70
C VAL A 38 30.67 -5.81 -0.40
N GLY A 39 30.26 -4.66 0.13
CA GLY A 39 29.50 -4.55 1.36
C GLY A 39 28.23 -5.38 1.41
N ASN A 40 27.44 -5.34 0.33
CA ASN A 40 26.17 -6.05 0.24
C ASN A 40 26.33 -7.56 0.02
N THR A 41 27.42 -7.99 -0.63
CA THR A 41 27.73 -9.42 -0.81
C THR A 41 28.09 -9.98 0.57
N LEU A 42 28.87 -9.19 1.37
CA LEU A 42 29.26 -9.56 2.72
C LEU A 42 28.08 -9.71 3.67
N VAL A 43 27.04 -8.89 3.50
CA VAL A 43 25.80 -8.95 4.28
C VAL A 43 25.10 -10.28 3.96
N CYS A 44 24.92 -10.57 2.66
CA CYS A 44 24.28 -11.81 2.19
C CYS A 44 25.04 -13.05 2.67
N LEU A 45 26.39 -13.02 2.61
CA LEU A 45 27.25 -14.12 3.05
C LEU A 45 27.23 -14.34 4.56
N ALA A 46 27.28 -13.26 5.38
CA ALA A 46 27.24 -13.32 6.85
C ALA A 46 25.99 -14.03 7.35
N VAL A 47 24.81 -13.70 6.76
CA VAL A 47 23.53 -14.28 7.13
C VAL A 47 23.42 -15.73 6.61
N TRP A 48 23.89 -16.01 5.39
CA TRP A 48 23.82 -17.35 4.80
C TRP A 48 24.67 -18.38 5.54
N ARG A 49 25.90 -18.01 5.94
CA ARG A 49 26.87 -18.90 6.57
C ARG A 49 26.76 -19.03 8.08
N ASN A 50 25.96 -18.18 8.74
CA ASN A 50 25.88 -18.20 10.20
C ASN A 50 24.44 -18.27 10.73
N HIS A 51 24.12 -19.39 11.39
CA HIS A 51 22.82 -19.64 11.99
C HIS A 51 22.39 -18.55 12.98
N HIS A 52 23.34 -18.02 13.79
CA HIS A 52 23.07 -16.95 14.78
C HIS A 52 22.65 -15.61 14.14
N MET A 53 22.98 -15.42 12.83
CA MET A 53 22.67 -14.22 12.02
C MET A 53 21.29 -14.30 11.38
N ARG A 54 20.69 -15.50 11.31
CA ARG A 54 19.40 -15.74 10.65
C ARG A 54 18.19 -15.30 11.51
N THR A 55 18.12 -14.00 11.82
CA THR A 55 17.01 -13.38 12.55
C THR A 55 16.05 -12.80 11.50
N VAL A 56 14.79 -12.52 11.89
CA VAL A 56 13.76 -11.95 11.00
C VAL A 56 14.26 -10.64 10.34
N THR A 57 14.84 -9.72 11.16
CA THR A 57 15.41 -8.45 10.70
C THR A 57 16.51 -8.68 9.66
N ASN A 58 17.43 -9.62 9.93
CA ASN A 58 18.56 -9.91 9.03
C ASN A 58 18.13 -10.55 7.72
N TYR A 59 17.00 -11.28 7.70
CA TYR A 59 16.43 -11.83 6.46
C TYR A 59 15.95 -10.66 5.59
N PHE A 60 15.27 -9.68 6.22
CA PHE A 60 14.80 -8.46 5.54
C PHE A 60 16.00 -7.58 5.13
N LEU A 61 17.05 -7.45 5.97
CA LEU A 61 18.27 -6.71 5.61
C LEU A 61 18.97 -7.38 4.42
N VAL A 62 18.88 -8.75 4.29
CA VAL A 62 19.42 -9.45 3.11
C VAL A 62 18.62 -9.00 1.85
N ASN A 63 17.27 -8.93 1.95
CA ASN A 63 16.40 -8.48 0.88
C ASN A 63 16.74 -7.03 0.41
N LEU A 64 17.04 -6.14 1.39
CA LEU A 64 17.48 -4.77 1.14
C LEU A 64 18.81 -4.81 0.34
N SER A 65 19.75 -5.69 0.72
CA SER A 65 21.01 -5.91 0.01
C SER A 65 20.78 -6.45 -1.41
N LEU A 66 19.78 -7.35 -1.63
CA LEU A 66 19.45 -7.85 -2.97
C LEU A 66 18.89 -6.74 -3.88
N ALA A 67 18.03 -5.89 -3.33
CA ALA A 67 17.47 -4.74 -4.07
C ALA A 67 18.61 -3.75 -4.36
N ASP A 68 19.49 -3.52 -3.39
CA ASP A 68 20.62 -2.63 -3.55
C ASP A 68 21.67 -3.17 -4.54
N VAL A 69 21.84 -4.49 -4.63
CA VAL A 69 22.76 -5.11 -5.61
C VAL A 69 22.16 -5.03 -7.02
N LEU A 70 20.84 -5.20 -7.15
CA LEU A 70 20.13 -5.08 -8.44
C LEU A 70 20.34 -3.66 -9.04
N ALA A 71 20.22 -2.63 -8.20
CA ALA A 71 20.40 -1.22 -8.61
C ALA A 71 21.87 -0.92 -8.94
N THR A 72 22.78 -1.33 -8.06
CA THR A 72 24.24 -1.12 -8.23
C THR A 72 24.82 -1.82 -9.45
N ALA A 73 24.48 -3.10 -9.65
CA ALA A 73 25.03 -3.87 -10.76
C ALA A 73 24.49 -3.50 -12.15
N ILE A 74 23.16 -3.36 -12.30
CA ILE A 74 22.53 -3.12 -13.60
C ILE A 74 22.20 -1.66 -13.89
N CYS A 75 21.71 -0.92 -12.89
CA CYS A 75 21.25 0.46 -13.10
C CYS A 75 22.32 1.56 -12.89
N LEU A 76 23.23 1.41 -11.89
CA LEU A 76 24.28 2.41 -11.60
C LEU A 76 25.15 2.73 -12.85
N PRO A 77 25.73 1.75 -13.61
CA PRO A 77 26.51 2.12 -14.82
C PRO A 77 25.73 2.89 -15.90
N ALA A 78 24.44 2.55 -16.14
CA ALA A 78 23.56 3.24 -17.11
C ALA A 78 23.27 4.67 -16.66
N SER A 79 23.04 4.87 -15.35
CA SER A 79 22.77 6.18 -14.77
C SER A 79 24.03 7.07 -14.81
N LEU A 80 25.23 6.50 -14.56
CA LEU A 80 26.49 7.24 -14.65
C LEU A 80 26.73 7.71 -16.12
N LEU A 81 26.43 6.87 -17.12
CA LEU A 81 26.59 7.24 -18.53
C LEU A 81 25.61 8.33 -18.97
N VAL A 82 24.38 8.32 -18.46
CA VAL A 82 23.39 9.37 -18.78
C VAL A 82 23.84 10.69 -18.14
N ASP A 83 24.28 10.66 -16.87
CA ASP A 83 24.73 11.85 -16.16
C ASP A 83 26.01 12.45 -16.77
N ILE A 84 26.87 11.63 -17.40
CA ILE A 84 28.10 12.09 -18.04
C ILE A 84 27.85 12.60 -19.46
N THR A 85 27.19 11.79 -20.31
CA THR A 85 26.97 12.05 -21.72
C THR A 85 25.71 12.82 -22.08
N GLU A 86 24.72 12.89 -21.18
CA GLU A 86 23.43 13.54 -21.42
C GLU A 86 22.68 12.83 -22.58
N SER A 87 22.90 11.51 -22.72
CA SER A 87 22.26 10.69 -23.74
C SER A 87 22.06 9.23 -23.31
N TRP A 88 21.07 8.55 -23.92
CA TRP A 88 20.76 7.15 -23.68
C TRP A 88 21.50 6.29 -24.70
N LEU A 89 22.47 5.51 -24.24
CA LEU A 89 23.31 4.69 -25.12
C LEU A 89 23.01 3.19 -25.12
N PHE A 90 21.86 2.77 -24.56
CA PHE A 90 21.55 1.34 -24.40
C PHE A 90 20.40 0.79 -25.26
N GLY A 91 19.87 1.57 -26.17
CA GLY A 91 18.78 1.12 -27.04
C GLY A 91 17.40 1.22 -26.45
N HIS A 92 16.38 0.96 -27.28
CA HIS A 92 14.96 1.03 -26.97
C HIS A 92 14.49 0.08 -25.87
N ALA A 93 14.85 -1.22 -25.98
CA ALA A 93 14.47 -2.25 -24.99
C ALA A 93 14.94 -1.91 -23.59
N LEU A 94 16.23 -1.52 -23.44
CA LEU A 94 16.79 -1.19 -22.12
C LEU A 94 16.29 0.13 -21.57
N CYS A 95 15.70 1.00 -22.42
CA CYS A 95 15.09 2.25 -21.97
C CYS A 95 13.79 1.92 -21.17
N LYS A 96 13.19 0.74 -21.41
CA LYS A 96 12.04 0.29 -20.62
C LYS A 96 12.52 -0.53 -19.42
N VAL A 97 13.47 -1.48 -19.62
CA VAL A 97 13.98 -2.43 -18.63
C VAL A 97 14.77 -1.78 -17.47
N ILE A 98 15.78 -0.92 -17.76
CA ILE A 98 16.61 -0.28 -16.71
C ILE A 98 15.76 0.67 -15.82
N PRO A 99 14.95 1.66 -16.33
CA PRO A 99 14.09 2.46 -15.42
C PRO A 99 13.14 1.60 -14.59
N TYR A 100 12.64 0.51 -15.17
CA TYR A 100 11.76 -0.45 -14.49
C TYR A 100 12.51 -1.10 -13.31
N LEU A 101 13.72 -1.60 -13.56
CA LEU A 101 14.51 -2.28 -12.49
C LEU A 101 14.92 -1.27 -11.40
N GLN A 102 15.23 -0.03 -11.76
CA GLN A 102 15.58 0.98 -10.73
C GLN A 102 14.36 1.27 -9.85
N THR A 103 13.18 1.44 -10.44
CA THR A 103 11.95 1.72 -9.67
C THR A 103 11.54 0.50 -8.82
N VAL A 104 11.70 -0.71 -9.35
CA VAL A 104 11.35 -1.97 -8.63
C VAL A 104 12.24 -2.06 -7.39
N SER A 105 13.52 -1.71 -7.54
CA SER A 105 14.54 -1.72 -6.46
C SER A 105 14.16 -0.74 -5.35
N VAL A 106 13.69 0.45 -5.70
CA VAL A 106 13.27 1.47 -4.70
C VAL A 106 12.08 0.93 -3.92
N SER A 107 11.13 0.31 -4.63
CA SER A 107 9.91 -0.29 -4.05
C SER A 107 10.28 -1.44 -3.10
N VAL A 108 11.21 -2.30 -3.50
CA VAL A 108 11.66 -3.44 -2.65
C VAL A 108 12.35 -2.88 -1.40
N ALA A 109 13.17 -1.84 -1.57
CA ALA A 109 13.88 -1.22 -0.44
C ALA A 109 12.90 -0.61 0.56
N VAL A 110 12.00 0.25 0.09
CA VAL A 110 11.04 0.93 0.97
C VAL A 110 10.03 -0.07 1.60
N LEU A 111 9.54 -1.07 0.84
CA LEU A 111 8.63 -2.05 1.40
C LEU A 111 9.34 -2.96 2.41
N THR A 112 10.65 -3.27 2.19
CA THR A 112 11.46 -4.09 3.11
C THR A 112 11.61 -3.34 4.42
N LEU A 113 11.96 -2.05 4.35
CA LEU A 113 12.09 -1.20 5.55
C LEU A 113 10.76 -1.09 6.29
N SER A 114 9.62 -1.02 5.54
CA SER A 114 8.28 -0.95 6.11
C SER A 114 7.94 -2.24 6.86
N PHE A 115 8.30 -3.42 6.31
CA PHE A 115 8.03 -4.72 6.93
C PHE A 115 8.91 -4.99 8.14
N ILE A 116 10.16 -4.45 8.18
CA ILE A 116 11.02 -4.54 9.36
C ILE A 116 10.34 -3.75 10.50
N ALA A 117 9.96 -2.47 10.23
CA ALA A 117 9.29 -1.55 11.14
C ALA A 117 8.04 -2.22 11.71
N LEU A 118 7.22 -2.83 10.83
CA LEU A 118 6.00 -3.53 11.17
C LEU A 118 6.27 -4.70 12.12
N ASP A 119 7.32 -5.50 11.81
CA ASP A 119 7.73 -6.65 12.61
C ASP A 119 8.18 -6.23 14.00
N ARG A 120 9.04 -5.19 14.09
CA ARG A 120 9.56 -4.65 15.34
C ARG A 120 8.47 -3.98 16.15
N TRP A 121 7.53 -3.28 15.50
CA TRP A 121 6.42 -2.59 16.15
C TRP A 121 5.50 -3.59 16.80
N TYR A 122 5.12 -4.67 16.09
CA TYR A 122 4.30 -5.72 16.70
C TYR A 122 5.05 -6.46 17.79
N ALA A 123 6.29 -6.91 17.52
CA ALA A 123 7.07 -7.65 18.53
C ALA A 123 7.27 -6.88 19.85
N ILE A 124 7.56 -5.58 19.76
CA ILE A 124 7.88 -4.73 20.91
C ILE A 124 6.65 -4.03 21.50
N CYS A 125 5.79 -3.41 20.68
CA CYS A 125 4.65 -2.64 21.18
C CYS A 125 3.36 -3.46 21.36
N HIS A 126 3.10 -4.48 20.53
CA HIS A 126 1.88 -5.30 20.62
C HIS A 126 2.27 -6.78 20.50
N PRO A 127 3.01 -7.30 21.52
CA PRO A 127 3.62 -8.65 21.39
C PRO A 127 2.77 -9.90 21.24
N LEU A 128 1.47 -9.92 21.54
CA LEU A 128 0.80 -11.23 21.45
C LEU A 128 -0.22 -11.38 20.31
N LEU A 129 -0.11 -10.55 19.26
CA LEU A 129 -1.05 -10.59 18.14
C LEU A 129 -0.59 -11.46 16.97
N PHE A 130 0.57 -11.14 16.39
CA PHE A 130 1.10 -11.85 15.23
C PHE A 130 2.39 -12.60 15.58
N LYS A 131 2.64 -13.75 14.92
CA LYS A 131 3.84 -14.56 15.11
C LYS A 131 4.96 -14.05 14.20
N SER A 132 6.11 -13.68 14.77
CA SER A 132 7.27 -13.21 14.03
C SER A 132 8.28 -14.37 13.82
N THR A 133 8.23 -15.04 12.66
CA THR A 133 9.15 -16.14 12.33
C THR A 133 9.95 -15.85 11.07
N ALA A 134 11.11 -16.50 10.94
CA ALA A 134 12.00 -16.37 9.79
C ALA A 134 11.34 -16.88 8.50
N ARG A 135 10.49 -17.93 8.62
CA ARG A 135 9.76 -18.54 7.52
C ARG A 135 8.63 -17.64 7.02
N ARG A 136 8.01 -16.86 7.94
CA ARG A 136 6.97 -15.90 7.60
C ARG A 136 7.61 -14.68 6.95
N ALA A 137 8.87 -14.36 7.34
CA ALA A 137 9.64 -13.26 6.77
C ALA A 137 9.97 -13.56 5.29
N LEU A 138 10.25 -14.85 4.98
CA LEU A 138 10.51 -15.28 3.60
C LEU A 138 9.26 -15.15 2.71
N GLY A 139 8.08 -15.38 3.30
CA GLY A 139 6.79 -15.19 2.63
C GLY A 139 6.52 -13.72 2.38
N SER A 140 6.85 -12.86 3.35
CA SER A 140 6.72 -11.41 3.23
C SER A 140 7.67 -10.91 2.11
N ILE A 141 8.93 -11.41 2.08
CA ILE A 141 9.97 -11.06 1.09
C ILE A 141 9.49 -11.38 -0.35
N LEU A 142 8.86 -12.55 -0.56
CA LEU A 142 8.31 -12.96 -1.85
C LEU A 142 7.16 -12.02 -2.27
N GLY A 143 6.33 -11.64 -1.30
CA GLY A 143 5.21 -10.72 -1.49
C GLY A 143 5.70 -9.34 -1.90
N ILE A 144 6.78 -8.83 -1.25
CA ILE A 144 7.43 -7.56 -1.56
C ILE A 144 7.90 -7.54 -3.02
N TRP A 145 8.55 -8.63 -3.51
CA TRP A 145 8.99 -8.73 -4.90
C TRP A 145 7.80 -8.81 -5.86
N ALA A 146 6.77 -9.66 -5.56
CA ALA A 146 5.54 -9.77 -6.35
C ALA A 146 4.82 -8.40 -6.52
N VAL A 147 4.69 -7.62 -5.43
CA VAL A 147 4.07 -6.30 -5.44
C VAL A 147 4.92 -5.29 -6.24
N SER A 148 6.23 -5.20 -5.90
CA SER A 148 7.18 -4.27 -6.53
C SER A 148 7.29 -4.46 -8.03
N LEU A 149 7.33 -5.73 -8.49
CA LEU A 149 7.44 -6.07 -9.90
C LEU A 149 6.17 -5.69 -10.68
N ALA A 150 5.01 -5.75 -10.03
CA ALA A 150 3.75 -5.41 -10.68
C ALA A 150 3.44 -3.91 -10.69
N ILE A 151 3.60 -3.22 -9.56
CA ILE A 151 3.25 -1.80 -9.44
C ILE A 151 4.16 -0.88 -10.27
N MET A 152 5.31 -1.40 -10.76
CA MET A 152 6.25 -0.61 -11.56
C MET A 152 6.09 -0.86 -13.05
N VAL A 153 5.14 -1.75 -13.44
CA VAL A 153 4.84 -2.02 -14.86
C VAL A 153 4.33 -0.70 -15.52
N PRO A 154 3.48 0.18 -14.89
CA PRO A 154 3.14 1.46 -15.52
C PRO A 154 4.35 2.37 -15.83
N GLN A 155 5.40 2.34 -14.96
CA GLN A 155 6.65 3.10 -15.19
C GLN A 155 7.33 2.66 -16.49
N ALA A 156 7.48 1.33 -16.71
CA ALA A 156 8.08 0.73 -17.91
C ALA A 156 7.26 1.06 -19.17
N ALA A 157 5.92 1.07 -19.05
CA ALA A 157 4.98 1.39 -20.13
C ALA A 157 5.16 2.79 -20.75
N VAL A 158 5.45 3.81 -19.92
CA VAL A 158 5.59 5.20 -20.36
C VAL A 158 7.01 5.53 -20.89
N MET A 159 8.01 4.67 -20.60
CA MET A 159 9.39 4.92 -21.02
C MET A 159 9.53 4.81 -22.52
N GLU A 160 10.12 5.83 -23.12
CA GLU A 160 10.33 5.86 -24.55
C GLU A 160 11.71 6.42 -24.89
N CYS A 161 12.36 5.81 -25.89
CA CYS A 161 13.65 6.23 -26.39
C CYS A 161 13.44 6.98 -27.69
N SER A 162 13.85 8.25 -27.70
CA SER A 162 13.68 9.09 -28.88
C SER A 162 14.93 9.89 -29.21
N SER A 163 15.11 10.18 -30.50
CA SER A 163 16.24 10.99 -30.96
C SER A 163 15.78 12.43 -31.12
N VAL A 164 16.57 13.38 -30.58
CA VAL A 164 16.32 14.83 -30.67
C VAL A 164 16.48 15.30 -32.14
N LEU A 165 17.33 14.60 -32.92
CA LEU A 165 17.62 14.79 -34.34
C LEU A 165 17.36 13.43 -35.04
N PRO A 166 16.10 13.19 -35.51
CA PRO A 166 15.74 11.87 -36.11
C PRO A 166 16.62 11.33 -37.25
N GLU A 167 17.11 12.23 -38.13
CA GLU A 167 17.94 11.91 -39.30
C GLU A 167 19.37 11.40 -38.96
N LEU A 168 19.78 11.42 -37.68
CA LEU A 168 21.10 10.99 -37.23
C LEU A 168 21.07 9.73 -36.34
N ALA A 169 19.85 9.31 -35.94
CA ALA A 169 19.56 8.15 -35.08
C ALA A 169 20.15 6.83 -35.57
N ALA A 170 20.20 6.65 -36.91
CA ALA A 170 20.74 5.44 -37.55
C ALA A 170 22.27 5.31 -37.42
N ARG A 171 23.01 6.46 -37.28
CA ARG A 171 24.47 6.45 -37.17
C ARG A 171 25.02 6.63 -35.75
N THR A 172 24.27 7.27 -34.83
CA THR A 172 24.74 7.47 -33.45
C THR A 172 23.59 7.48 -32.42
N ARG A 173 23.93 7.12 -31.16
CA ARG A 173 23.05 7.15 -29.99
C ARG A 173 23.31 8.41 -29.13
N ALA A 174 24.19 9.30 -29.61
CA ALA A 174 24.61 10.53 -28.95
C ALA A 174 23.49 11.52 -28.69
N PHE A 175 22.49 11.56 -29.58
CA PHE A 175 21.37 12.50 -29.50
C PHE A 175 20.04 11.77 -29.13
N SER A 176 20.18 10.55 -28.56
CA SER A 176 19.07 9.72 -28.11
C SER A 176 18.82 9.97 -26.64
N VAL A 177 17.54 10.09 -26.27
CA VAL A 177 17.12 10.35 -24.89
C VAL A 177 16.04 9.35 -24.44
N CYS A 178 16.18 8.83 -23.21
CA CYS A 178 15.21 7.92 -22.60
C CYS A 178 14.38 8.75 -21.63
N ASP A 179 13.08 8.84 -21.87
CA ASP A 179 12.20 9.64 -21.01
C ASP A 179 10.77 9.12 -21.05
N GLU A 180 9.96 9.58 -20.10
CA GLU A 180 8.54 9.24 -20.00
C GLU A 180 7.74 9.94 -21.10
N ARG A 181 6.78 9.25 -21.67
CA ARG A 181 5.90 9.81 -22.71
C ARG A 181 4.49 9.84 -22.17
N TRP A 182 3.92 11.05 -22.06
CA TRP A 182 2.56 11.23 -21.56
C TRP A 182 1.69 11.83 -22.66
N ALA A 183 0.50 11.24 -22.89
CA ALA A 183 -0.47 11.68 -23.89
C ALA A 183 -1.20 12.97 -23.48
N ASP A 184 -1.23 13.29 -22.19
CA ASP A 184 -1.85 14.50 -21.66
C ASP A 184 -1.02 15.08 -20.54
N ASP A 185 -1.37 16.29 -20.08
CA ASP A 185 -0.61 17.00 -19.04
C ASP A 185 -1.08 16.71 -17.62
N LEU A 186 -2.26 16.10 -17.46
CA LEU A 186 -2.82 15.74 -16.14
C LEU A 186 -2.34 14.37 -15.60
N ALA A 187 -2.31 13.31 -16.47
CA ALA A 187 -1.85 11.96 -16.09
C ALA A 187 -0.47 11.93 -15.37
N PRO A 188 0.62 12.60 -15.86
CA PRO A 188 1.90 12.59 -15.10
C PRO A 188 1.81 13.26 -13.72
N LYS A 189 0.90 14.24 -13.58
CA LYS A 189 0.68 14.96 -12.31
C LYS A 189 0.04 14.04 -11.30
N ILE A 190 -0.95 13.22 -11.73
CA ILE A 190 -1.63 12.24 -10.88
C ILE A 190 -0.68 11.10 -10.52
N TYR A 191 0.01 10.53 -11.55
CA TYR A 191 0.94 9.43 -11.37
C TYR A 191 2.09 9.75 -10.40
N HIS A 192 2.78 10.88 -10.62
CA HIS A 192 3.94 11.28 -9.81
C HIS A 192 3.57 11.75 -8.41
N SER A 193 2.32 12.20 -8.20
CA SER A 193 1.82 12.52 -6.86
C SER A 193 1.65 11.18 -6.09
N CYS A 194 1.09 10.15 -6.74
CA CYS A 194 0.94 8.79 -6.19
C CYS A 194 2.32 8.15 -5.93
N PHE A 195 3.22 8.24 -6.91
CA PHE A 195 4.59 7.71 -6.80
C PHE A 195 5.27 8.20 -5.51
N PHE A 196 5.29 9.52 -5.28
CA PHE A 196 5.92 10.15 -4.11
C PHE A 196 5.34 9.65 -2.78
N ILE A 197 4.02 9.55 -2.72
CA ILE A 197 3.32 9.16 -1.50
C ILE A 197 3.54 7.68 -1.21
N VAL A 198 3.46 6.82 -2.22
CA VAL A 198 3.61 5.36 -2.10
C VAL A 198 5.07 4.93 -1.86
N THR A 199 6.04 5.52 -2.57
CA THR A 199 7.46 5.13 -2.44
C THR A 199 8.24 5.93 -1.40
N TYR A 200 7.68 7.05 -0.91
CA TYR A 200 8.45 7.87 0.01
C TYR A 200 7.67 8.38 1.23
N LEU A 201 6.71 9.29 1.06
CA LEU A 201 6.07 9.98 2.17
C LEU A 201 5.28 9.11 3.13
N ALA A 202 4.29 8.31 2.64
CA ALA A 202 3.50 7.46 3.53
C ALA A 202 4.34 6.36 4.24
N PRO A 203 5.20 5.54 3.57
CA PRO A 203 5.97 4.56 4.35
C PRO A 203 6.94 5.15 5.35
N LEU A 204 7.63 6.26 5.00
CA LEU A 204 8.60 6.90 5.92
C LEU A 204 7.94 7.63 7.09
N GLY A 205 6.77 8.26 6.85
CA GLY A 205 5.97 8.90 7.89
C GLY A 205 5.46 7.85 8.86
N LEU A 206 4.94 6.71 8.34
CA LEU A 206 4.48 5.58 9.16
C LEU A 206 5.65 4.93 9.95
N MET A 207 6.83 4.75 9.30
CA MET A 207 8.01 4.18 9.96
C MET A 207 8.51 5.08 11.09
N ALA A 208 8.53 6.42 10.87
CA ALA A 208 8.96 7.40 11.89
C ALA A 208 8.13 7.27 13.16
N MET A 209 6.80 7.18 12.99
CA MET A 209 5.83 7.00 14.07
C MET A 209 5.97 5.64 14.78
N ALA A 210 6.22 4.57 14.01
CA ALA A 210 6.43 3.22 14.54
C ALA A 210 7.68 3.21 15.45
N TYR A 211 8.81 3.77 14.94
CA TYR A 211 10.08 3.85 15.66
C TYR A 211 10.03 4.77 16.87
N PHE A 212 9.18 5.80 16.83
CA PHE A 212 9.00 6.67 17.99
C PHE A 212 8.34 5.87 19.13
N GLN A 213 7.35 5.01 18.79
CA GLN A 213 6.67 4.15 19.75
C GLN A 213 7.57 3.03 20.26
N ILE A 214 8.44 2.47 19.39
CA ILE A 214 9.40 1.43 19.77
C ILE A 214 10.41 2.09 20.76
N PHE A 215 10.87 3.32 20.43
CA PHE A 215 11.79 4.09 21.25
C PHE A 215 11.24 4.29 22.66
N ARG A 216 9.96 4.73 22.76
CA ARG A 216 9.29 4.94 24.05
C ARG A 216 9.18 3.66 24.84
N LYS A 217 8.91 2.53 24.17
CA LYS A 217 8.78 1.23 24.83
C LYS A 217 10.13 0.69 25.32
N LEU A 218 11.15 0.69 24.46
CA LEU A 218 12.49 0.12 24.80
C LEU A 218 13.25 1.00 25.80
N TRP A 219 13.16 2.32 25.67
CA TRP A 219 13.88 3.25 26.53
C TRP A 219 13.02 3.88 27.64
N GLY A 220 11.83 3.33 27.82
CA GLY A 220 10.90 3.81 28.85
C GLY A 220 11.11 3.14 30.19
N ARG A 221 10.17 3.42 31.12
CA ARG A 221 10.13 2.94 32.50
C ARG A 221 10.12 1.41 32.57
N GLN A 222 11.09 0.85 33.28
CA GLN A 222 11.28 -0.60 33.44
C GLN A 222 10.20 -1.18 34.35
N ILE A 223 9.51 -2.24 33.86
CA ILE A 223 8.47 -2.96 34.60
C ILE A 223 9.14 -4.07 35.45
N PRO A 224 8.87 -4.12 36.78
CA PRO A 224 9.51 -5.15 37.61
C PRO A 224 9.08 -6.60 37.33
N GLY A 225 9.82 -7.55 37.92
CA GLY A 225 9.57 -8.98 37.79
C GLY A 225 10.00 -9.64 36.50
N THR A 226 10.63 -8.87 35.58
CA THR A 226 11.11 -9.37 34.27
C THR A 226 12.29 -10.34 34.42
N THR A 227 12.16 -11.49 33.75
CA THR A 227 13.14 -12.60 33.77
C THR A 227 14.45 -12.22 33.08
N SER A 228 15.45 -13.10 33.16
CA SER A 228 16.78 -12.89 32.52
C SER A 228 16.60 -12.85 30.99
N GLU A 230 13.88 -11.94 29.49
CA GLU A 230 13.18 -10.67 29.11
C GLU A 230 14.17 -9.49 29.18
N VAL A 231 15.06 -9.49 30.16
CA VAL A 231 16.10 -8.43 30.29
C VAL A 231 17.10 -8.47 29.13
N LYS A 232 17.56 -9.67 28.75
CA LYS A 232 18.57 -9.86 27.66
C LYS A 232 18.00 -9.46 26.29
N GLN A 233 16.77 -9.86 25.99
CA GLN A 233 16.13 -9.57 24.67
C GLN A 233 15.99 -8.05 24.52
N MET A 234 15.62 -7.37 25.60
CA MET A 234 15.43 -5.91 25.66
C MET A 234 16.75 -5.18 25.37
N ARG A 235 17.86 -5.67 25.93
CA ARG A 235 19.20 -5.05 25.69
C ARG A 235 19.59 -5.23 24.23
N ALA A 236 19.35 -6.43 23.69
CA ALA A 236 19.64 -6.77 22.29
C ALA A 236 18.78 -5.92 21.36
N ARG A 237 17.50 -5.75 21.72
CA ARG A 237 16.51 -4.98 20.93
C ARG A 237 16.91 -3.51 20.83
N ARG A 238 17.42 -2.91 21.91
CA ARG A 238 17.83 -1.48 21.90
C ARG A 238 18.92 -1.24 20.87
N LYS A 239 19.88 -2.17 20.76
CA LYS A 239 20.98 -2.12 19.80
C LYS A 239 20.46 -2.20 18.36
N THR A 240 19.55 -3.16 18.09
CA THR A 240 18.94 -3.36 16.77
C THR A 240 18.06 -2.18 16.37
N ALA A 241 17.20 -1.69 17.29
CA ALA A 241 16.31 -0.54 17.03
C ALA A 241 17.11 0.69 16.68
N LYS A 242 18.20 0.98 17.46
CA LYS A 242 19.09 2.10 17.24
C LYS A 242 19.69 2.03 15.84
N MET A 243 20.13 0.82 15.41
CA MET A 243 20.67 0.59 14.07
C MET A 243 19.63 0.83 12.99
N LEU A 244 18.41 0.28 13.17
CA LEU A 244 17.30 0.39 12.22
C LEU A 244 16.82 1.82 12.06
N MET A 245 16.81 2.61 13.14
CA MET A 245 16.43 4.02 13.11
C MET A 245 17.43 4.81 12.24
N VAL A 246 18.74 4.47 12.33
CA VAL A 246 19.81 5.10 11.53
C VAL A 246 19.63 4.74 10.03
N VAL A 247 19.35 3.45 9.70
CA VAL A 247 19.12 2.97 8.34
C VAL A 247 17.93 3.74 7.73
N VAL A 248 16.81 3.86 8.47
CA VAL A 248 15.61 4.57 8.02
C VAL A 248 15.91 6.08 7.82
N LEU A 249 16.63 6.71 8.76
CA LEU A 249 16.99 8.13 8.64
C LEU A 249 17.92 8.38 7.43
N VAL A 250 18.93 7.51 7.20
CA VAL A 250 19.85 7.61 6.06
C VAL A 250 19.10 7.38 4.72
N PHE A 251 18.11 6.44 4.69
CA PHE A 251 17.26 6.19 3.52
C PHE A 251 16.42 7.45 3.21
N ALA A 252 15.80 8.05 4.27
CA ALA A 252 14.98 9.26 4.19
C ALA A 252 15.79 10.43 3.58
N LEU A 253 17.04 10.61 4.04
CA LEU A 253 17.95 11.66 3.55
C LEU A 253 18.46 11.43 2.13
N CYS A 254 18.86 10.18 1.78
CA CYS A 254 19.37 9.83 0.44
C CYS A 254 18.32 9.94 -0.66
N TYR A 255 17.07 9.63 -0.34
CA TYR A 255 15.94 9.62 -1.27
C TYR A 255 15.13 10.91 -1.27
N LEU A 256 15.43 11.85 -0.35
CA LEU A 256 14.74 13.14 -0.27
C LEU A 256 15.00 14.02 -1.52
N PRO A 257 16.26 14.30 -1.97
CA PRO A 257 16.40 15.15 -3.16
C PRO A 257 15.72 14.60 -4.43
N ILE A 258 15.90 13.32 -4.78
CA ILE A 258 15.30 12.71 -5.99
C ILE A 258 13.75 12.76 -5.98
N SER A 259 13.13 12.48 -4.79
CA SER A 259 11.67 12.46 -4.57
C SER A 259 11.09 13.84 -4.72
N VAL A 260 11.74 14.84 -4.10
CA VAL A 260 11.35 16.25 -4.15
C VAL A 260 11.51 16.79 -5.56
N LEU A 261 12.68 16.57 -6.19
CA LEU A 261 12.95 17.01 -7.55
C LEU A 261 11.95 16.42 -8.56
N ASN A 262 11.56 15.14 -8.40
CA ASN A 262 10.59 14.47 -9.27
C ASN A 262 9.19 15.12 -9.20
N VAL A 263 8.73 15.42 -7.97
CA VAL A 263 7.46 16.09 -7.72
C VAL A 263 7.46 17.51 -8.31
N LEU A 264 8.52 18.30 -8.03
CA LEU A 264 8.63 19.67 -8.52
C LEU A 264 8.64 19.71 -10.06
N LYS A 265 9.29 18.73 -10.69
CA LYS A 265 9.37 18.64 -12.14
C LYS A 265 8.04 18.19 -12.77
N ARG A 266 7.54 17.04 -12.32
CA ARG A 266 6.36 16.38 -12.88
C ARG A 266 5.02 16.93 -12.46
N VAL A 267 4.90 17.37 -11.20
CA VAL A 267 3.63 17.89 -10.67
C VAL A 267 3.56 19.42 -10.78
N PHE A 268 4.66 20.13 -10.46
CA PHE A 268 4.67 21.59 -10.43
C PHE A 268 5.31 22.27 -11.67
N GLY A 269 5.65 21.49 -12.71
CA GLY A 269 6.20 22.03 -13.96
C GLY A 269 7.44 22.87 -13.86
N MET A 270 8.33 22.51 -12.95
CA MET A 270 9.58 23.20 -12.72
C MET A 270 10.74 22.68 -13.59
N PHE A 271 11.83 23.48 -13.64
CA PHE A 271 13.14 23.24 -14.26
C PHE A 271 13.14 23.16 -15.81
N ARG A 272 12.16 23.79 -16.49
CA ARG A 272 12.05 23.77 -17.95
C ARG A 272 12.81 24.91 -18.64
N GLN A 273 13.27 25.94 -17.90
CA GLN A 273 13.99 27.07 -18.50
C GLN A 273 15.43 26.75 -18.82
N ALA A 274 15.86 27.06 -20.06
CA ALA A 274 17.22 26.84 -20.57
C ALA A 274 18.31 27.59 -19.78
N SER A 275 17.96 28.75 -19.19
CA SER A 275 18.88 29.57 -18.38
C SER A 275 19.36 28.79 -17.12
N ASP A 276 18.49 27.93 -16.57
CA ASP A 276 18.74 27.12 -15.38
C ASP A 276 19.43 25.76 -15.64
N ARG A 277 19.55 25.35 -16.92
CA ARG A 277 20.10 24.06 -17.40
C ARG A 277 21.25 23.49 -16.54
N GLU A 278 22.29 24.31 -16.26
CA GLU A 278 23.47 23.95 -15.49
C GLU A 278 23.12 23.60 -14.03
N ALA A 279 22.30 24.44 -13.35
CA ALA A 279 21.87 24.24 -11.95
C ALA A 279 21.00 23.01 -11.81
N VAL A 280 20.10 22.79 -12.78
CA VAL A 280 19.17 21.67 -12.85
C VAL A 280 19.95 20.36 -13.07
N TYR A 281 20.91 20.36 -14.02
CA TYR A 281 21.78 19.22 -14.33
C TYR A 281 22.52 18.76 -13.07
N ALA A 282 23.20 19.67 -12.36
CA ALA A 282 23.97 19.40 -11.14
C ALA A 282 23.11 18.78 -10.04
N ALA A 283 21.94 19.42 -9.72
CA ALA A 283 20.99 18.98 -8.70
C ALA A 283 20.47 17.56 -8.95
N PHE A 284 20.03 17.26 -10.20
CA PHE A 284 19.53 15.95 -10.60
C PHE A 284 20.64 14.89 -10.57
N THR A 285 21.85 15.24 -11.06
CA THR A 285 23.02 14.36 -11.08
C THR A 285 23.44 13.96 -9.63
N PHE A 286 23.46 14.93 -8.69
CA PHE A 286 23.80 14.65 -7.29
C PHE A 286 22.73 13.76 -6.66
N SER A 287 21.44 14.04 -6.97
CA SER A 287 20.29 13.28 -6.44
C SER A 287 20.30 11.82 -6.90
N HIS A 288 20.81 11.55 -8.13
CA HIS A 288 20.94 10.20 -8.69
C HIS A 288 22.06 9.46 -8.00
N TRP A 289 23.22 10.12 -7.77
CA TRP A 289 24.36 9.53 -7.08
C TRP A 289 24.00 9.15 -5.65
N LEU A 290 23.24 10.01 -4.97
CA LEU A 290 22.82 9.85 -3.59
C LEU A 290 22.05 8.56 -3.38
N VAL A 291 21.15 8.19 -4.34
CA VAL A 291 20.37 6.95 -4.32
C VAL A 291 21.33 5.77 -4.25
N TYR A 292 22.33 5.77 -5.14
CA TYR A 292 23.35 4.72 -5.22
C TYR A 292 24.24 4.69 -4.01
N ALA A 293 24.58 5.88 -3.44
CA ALA A 293 25.37 6.03 -2.22
C ALA A 293 24.68 5.32 -1.06
N ASN A 294 23.34 5.26 -1.07
CA ASN A 294 22.57 4.59 -0.02
C ASN A 294 22.85 3.08 0.02
N SER A 295 23.05 2.43 -1.16
CA SER A 295 23.38 0.99 -1.26
C SER A 295 24.75 0.71 -0.62
N ALA A 296 25.69 1.68 -0.72
CA ALA A 296 27.01 1.62 -0.12
C ALA A 296 26.94 1.91 1.40
N ALA A 297 26.03 2.81 1.83
CA ALA A 297 25.88 3.24 3.21
C ALA A 297 25.42 2.14 4.20
N ASN A 298 24.37 1.37 3.84
CA ASN A 298 23.77 0.33 4.71
C ASN A 298 24.79 -0.67 5.25
N PRO A 299 25.66 -1.35 4.46
CA PRO A 299 26.67 -2.25 5.08
C PRO A 299 27.63 -1.50 6.04
N ILE A 300 27.99 -0.23 5.75
CA ILE A 300 28.84 0.60 6.62
C ILE A 300 28.11 0.88 7.95
N ILE A 301 26.78 1.12 7.91
CA ILE A 301 25.94 1.34 9.09
C ILE A 301 25.93 0.04 9.95
N TYR A 302 25.74 -1.14 9.32
CA TYR A 302 25.72 -2.43 10.04
C TYR A 302 27.06 -2.67 10.72
N ASN A 303 28.16 -2.34 10.04
CA ASN A 303 29.50 -2.48 10.57
C ASN A 303 29.69 -1.68 11.88
N PHE A 304 29.20 -0.44 11.93
CA PHE A 304 29.39 0.40 13.12
C PHE A 304 28.33 0.21 14.19
N LEU A 305 27.11 -0.20 13.84
CA LEU A 305 26.03 -0.33 14.82
C LEU A 305 25.57 -1.78 15.14
N SER A 306 26.27 -2.78 14.58
CA SER A 306 26.00 -4.19 14.85
C SER A 306 27.31 -4.90 15.05
N GLY A 307 27.55 -5.36 16.27
CA GLY A 307 28.73 -6.13 16.65
C GLY A 307 28.80 -7.46 15.93
N LYS A 308 27.64 -8.03 15.58
CA LYS A 308 27.49 -9.31 14.87
C LYS A 308 27.98 -9.18 13.43
N PHE A 309 27.53 -8.14 12.70
CA PHE A 309 27.97 -7.87 11.33
C PHE A 309 29.44 -7.43 11.33
N ARG A 310 29.84 -6.56 12.28
CA ARG A 310 31.22 -6.08 12.42
C ARG A 310 32.21 -7.23 12.50
N GLU A 311 31.89 -8.25 13.30
CA GLU A 311 32.67 -9.47 13.52
C GLU A 311 32.85 -10.25 12.21
N GLN A 312 31.78 -10.33 11.40
CA GLN A 312 31.77 -11.05 10.13
C GLN A 312 32.59 -10.31 9.06
N PHE A 313 32.41 -8.97 8.95
CA PHE A 313 33.15 -8.12 8.01
C PHE A 313 34.64 -8.14 8.38
N LYS A 314 34.97 -8.08 9.70
CA LYS A 314 36.34 -8.14 10.19
C LYS A 314 37.00 -9.48 9.80
N ALA A 315 36.26 -10.59 9.91
CA ALA A 315 36.71 -11.94 9.52
C ALA A 315 36.93 -12.02 8.01
N ALA A 316 36.04 -11.40 7.21
CA ALA A 316 36.10 -11.36 5.75
C ALA A 316 37.35 -10.67 5.26
N PHE A 317 37.69 -9.50 5.83
CA PHE A 317 38.89 -8.74 5.44
C PHE A 317 40.19 -9.21 6.09
N SER A 318 40.14 -9.88 7.26
CA SER A 318 41.32 -10.35 7.99
C SER A 318 41.77 -11.77 7.68
N TRP A 319 40.86 -12.74 7.50
CA TRP A 319 41.32 -14.11 7.27
C TRP A 319 40.60 -14.86 6.14
N TRP A 320 39.38 -14.47 5.79
CA TRP A 320 38.66 -15.14 4.71
C TRP A 320 39.33 -14.81 3.36
N LEU A 321 39.83 -13.56 3.21
CA LEU A 321 40.59 -13.00 2.08
C LEU A 321 41.15 -11.60 2.41
N PRO A 322 42.49 -11.40 2.48
CA PRO A 322 43.02 -10.06 2.80
C PRO A 322 42.91 -9.08 1.65
N ASP B 5 -36.85 30.92 0.84
CA ASP B 5 -35.98 29.80 1.20
C ASP B 5 -35.83 29.63 2.73
N GLU B 6 -36.00 30.72 3.51
CA GLU B 6 -35.90 30.70 4.97
C GLU B 6 -37.04 29.89 5.62
N PHE B 7 -38.23 29.85 4.97
CA PHE B 7 -39.37 29.07 5.45
C PHE B 7 -39.07 27.57 5.33
N LEU B 8 -38.52 27.14 4.16
CA LEU B 8 -38.13 25.75 3.86
C LEU B 8 -37.10 25.26 4.85
N ARG B 9 -36.15 26.14 5.24
CA ARG B 9 -35.11 25.90 6.24
C ARG B 9 -35.75 25.53 7.59
N TYR B 10 -36.75 26.34 8.05
CA TYR B 10 -37.47 26.07 9.29
C TYR B 10 -38.42 24.86 9.17
N LEU B 11 -39.01 24.63 7.98
CA LEU B 11 -39.88 23.47 7.73
C LEU B 11 -39.06 22.17 7.71
N TRP B 12 -37.87 22.23 7.10
CA TRP B 12 -36.97 21.04 7.08
C TRP B 12 -36.44 20.75 8.48
N ARG B 13 -35.95 21.79 9.16
CA ARG B 13 -35.33 21.69 10.50
C ARG B 13 -36.35 21.30 11.59
N ASP B 14 -37.54 21.89 11.55
CA ASP B 14 -38.54 21.63 12.61
C ASP B 14 -39.57 20.56 12.21
N TYR B 15 -39.65 20.17 10.93
CA TYR B 15 -40.67 19.16 10.60
C TYR B 15 -40.20 18.06 9.64
N LEU B 16 -39.83 18.41 8.41
CA LEU B 16 -39.54 17.42 7.35
C LEU B 16 -38.42 16.46 7.76
N TYR B 17 -37.33 16.95 8.34
CA TYR B 17 -36.27 16.05 8.76
C TYR B 17 -36.64 15.21 10.03
N PRO B 18 -36.99 15.80 11.21
CA PRO B 18 -37.25 14.95 12.40
C PRO B 18 -38.41 13.99 12.32
N LYS B 19 -39.50 14.40 11.64
CA LYS B 19 -40.72 13.60 11.55
C LYS B 19 -40.84 12.75 10.28
N GLN B 20 -39.96 12.94 9.28
CA GLN B 20 -40.09 12.20 8.03
C GLN B 20 -38.79 11.62 7.47
N TYR B 21 -37.86 12.48 7.03
CA TYR B 21 -36.62 12.04 6.36
C TYR B 21 -35.58 11.43 7.31
N ALA B 22 -35.70 11.62 8.65
CA ALA B 22 -34.79 10.97 9.60
C ALA B 22 -35.10 9.47 9.64
N TRP B 23 -36.37 9.09 9.38
CA TRP B 23 -36.87 7.70 9.32
C TRP B 23 -36.52 7.00 8.03
N VAL B 24 -36.55 7.72 6.88
CA VAL B 24 -36.17 7.23 5.56
C VAL B 24 -34.68 6.83 5.68
N LEU B 25 -33.89 7.68 6.39
CA LEU B 25 -32.47 7.47 6.70
C LEU B 25 -32.24 6.22 7.59
N ILE B 26 -33.04 6.05 8.67
CA ILE B 26 -32.97 4.88 9.56
C ILE B 26 -33.28 3.59 8.76
N ALA B 27 -34.38 3.60 7.96
CA ALA B 27 -34.83 2.48 7.15
C ALA B 27 -33.75 2.01 6.13
N ALA B 28 -33.07 2.97 5.45
CA ALA B 28 -32.00 2.73 4.47
C ALA B 28 -30.80 2.04 5.12
N TYR B 29 -30.46 2.47 6.34
CA TYR B 29 -29.38 1.93 7.17
C TYR B 29 -29.75 0.57 7.73
N VAL B 30 -31.03 0.36 8.12
CA VAL B 30 -31.57 -0.92 8.62
C VAL B 30 -31.56 -1.98 7.51
N ALA B 31 -32.05 -1.62 6.30
CA ALA B 31 -32.07 -2.50 5.12
C ALA B 31 -30.64 -2.99 4.78
N VAL B 32 -29.68 -2.07 4.73
CA VAL B 32 -28.26 -2.32 4.43
C VAL B 32 -27.59 -3.17 5.53
N PHE B 33 -27.86 -2.88 6.81
CA PHE B 33 -27.34 -3.63 7.95
C PHE B 33 -27.76 -5.11 7.89
N VAL B 34 -29.05 -5.38 7.63
CA VAL B 34 -29.62 -6.73 7.54
C VAL B 34 -29.09 -7.48 6.32
N VAL B 35 -29.15 -6.88 5.13
CA VAL B 35 -28.67 -7.50 3.89
C VAL B 35 -27.16 -7.82 3.98
N ALA B 36 -26.33 -6.88 4.52
CA ALA B 36 -24.90 -7.10 4.69
C ALA B 36 -24.55 -8.23 5.67
N LEU B 37 -25.20 -8.29 6.86
CA LEU B 37 -24.89 -9.35 7.84
C LEU B 37 -25.30 -10.72 7.35
N VAL B 38 -26.49 -10.83 6.73
CA VAL B 38 -26.98 -12.12 6.20
C VAL B 38 -26.11 -12.57 5.03
N GLY B 39 -25.97 -11.71 4.02
CA GLY B 39 -25.20 -11.97 2.81
C GLY B 39 -23.77 -12.37 3.05
N ASN B 40 -23.07 -11.64 3.94
CA ASN B 40 -21.67 -11.88 4.24
C ASN B 40 -21.43 -13.10 5.12
N THR B 41 -22.40 -13.46 5.99
CA THR B 41 -22.32 -14.68 6.80
C THR B 41 -22.42 -15.87 5.85
N LEU B 42 -23.31 -15.77 4.85
CA LEU B 42 -23.52 -16.82 3.84
C LEU B 42 -22.28 -17.05 2.98
N VAL B 43 -21.52 -15.98 2.68
CA VAL B 43 -20.28 -16.08 1.92
C VAL B 43 -19.24 -16.85 2.74
N CYS B 44 -19.08 -16.46 4.03
CA CYS B 44 -18.16 -17.12 4.96
C CYS B 44 -18.50 -18.59 5.14
N LEU B 45 -19.81 -18.91 5.30
CA LEU B 45 -20.29 -20.27 5.46
C LEU B 45 -20.11 -21.15 4.21
N ALA B 46 -20.43 -20.61 3.02
CA ALA B 46 -20.35 -21.28 1.72
C ALA B 46 -18.94 -21.77 1.41
N VAL B 47 -17.94 -20.92 1.67
CA VAL B 47 -16.53 -21.21 1.41
C VAL B 47 -15.96 -22.18 2.45
N TRP B 48 -16.16 -21.87 3.73
CA TRP B 48 -15.68 -22.69 4.84
C TRP B 48 -16.19 -24.16 4.81
N ARG B 49 -17.49 -24.38 4.50
CA ARG B 49 -18.10 -25.71 4.53
C ARG B 49 -18.09 -26.49 3.18
N ASN B 50 -17.54 -25.93 2.09
CA ASN B 50 -17.47 -26.64 0.82
C ASN B 50 -16.06 -26.61 0.25
N HIS B 51 -15.44 -27.80 0.14
CA HIS B 51 -14.08 -27.98 -0.40
C HIS B 51 -13.90 -27.39 -1.81
N HIS B 52 -14.92 -27.53 -2.68
CA HIS B 52 -14.90 -27.02 -4.07
C HIS B 52 -14.88 -25.48 -4.15
N MET B 53 -15.31 -24.80 -3.05
CA MET B 53 -15.37 -23.33 -2.91
C MET B 53 -14.05 -22.73 -2.41
N ARG B 54 -13.16 -23.56 -1.86
CA ARG B 54 -11.89 -23.14 -1.26
C ARG B 54 -10.81 -22.80 -2.30
N THR B 55 -11.08 -21.80 -3.15
CA THR B 55 -10.13 -21.28 -4.16
C THR B 55 -9.45 -20.07 -3.53
N VAL B 56 -8.28 -19.65 -4.08
CA VAL B 56 -7.51 -18.47 -3.62
C VAL B 56 -8.38 -17.21 -3.60
N THR B 57 -9.12 -16.95 -4.70
CA THR B 57 -10.04 -15.82 -4.83
C THR B 57 -11.10 -15.85 -3.72
N ASN B 58 -11.73 -17.02 -3.48
CA ASN B 58 -12.78 -17.16 -2.47
C ASN B 58 -12.29 -16.99 -1.05
N TYR B 59 -11.01 -17.32 -0.77
CA TYR B 59 -10.39 -17.07 0.54
C TYR B 59 -10.29 -15.56 0.77
N PHE B 60 -9.87 -14.82 -0.28
CA PHE B 60 -9.80 -13.35 -0.25
C PHE B 60 -11.18 -12.74 -0.19
N LEU B 61 -12.18 -13.29 -0.92
CA LEU B 61 -13.57 -12.82 -0.85
C LEU B 61 -14.15 -13.04 0.55
N VAL B 62 -13.70 -14.11 1.27
CA VAL B 62 -14.10 -14.32 2.68
C VAL B 62 -13.52 -13.17 3.55
N ASN B 63 -12.24 -12.80 3.32
CA ASN B 63 -11.59 -11.70 4.03
C ASN B 63 -12.32 -10.35 3.82
N LEU B 64 -12.79 -10.11 2.59
CA LEU B 64 -13.60 -8.93 2.23
C LEU B 64 -14.92 -8.95 3.04
N SER B 65 -15.56 -10.13 3.17
CA SER B 65 -16.76 -10.33 3.99
C SER B 65 -16.47 -10.09 5.49
N LEU B 66 -15.29 -10.51 6.00
CA LEU B 66 -14.90 -10.26 7.41
C LEU B 66 -14.72 -8.76 7.69
N ALA B 67 -14.09 -8.05 6.75
CA ALA B 67 -13.90 -6.59 6.85
C ALA B 67 -15.26 -5.92 6.78
N ASP B 68 -16.12 -6.38 5.88
CA ASP B 68 -17.47 -5.85 5.71
C ASP B 68 -18.37 -6.14 6.91
N VAL B 69 -18.20 -7.28 7.58
CA VAL B 69 -18.96 -7.62 8.80
C VAL B 69 -18.48 -6.77 9.99
N LEU B 70 -17.16 -6.50 10.08
CA LEU B 70 -16.58 -5.65 11.13
C LEU B 70 -17.19 -4.23 11.05
N ALA B 71 -17.29 -3.69 9.83
CA ALA B 71 -17.85 -2.34 9.61
C ALA B 71 -19.36 -2.34 9.93
N THR B 72 -20.10 -3.28 9.34
CA THR B 72 -21.56 -3.40 9.51
C THR B 72 -21.98 -3.62 10.96
N ALA B 73 -21.35 -4.56 11.67
CA ALA B 73 -21.71 -4.89 13.05
C ALA B 73 -21.35 -3.84 14.09
N ILE B 74 -20.11 -3.31 14.07
CA ILE B 74 -19.62 -2.39 15.11
C ILE B 74 -19.73 -0.91 14.73
N CYS B 75 -19.39 -0.55 13.49
CA CYS B 75 -19.32 0.85 13.10
C CYS B 75 -20.64 1.43 12.54
N LEU B 76 -21.38 0.69 11.70
CA LEU B 76 -22.65 1.15 11.11
C LEU B 76 -23.65 1.72 12.16
N PRO B 77 -24.03 1.02 13.27
CA PRO B 77 -24.97 1.63 14.24
C PRO B 77 -24.50 2.98 14.80
N ALA B 78 -23.18 3.12 15.10
CA ALA B 78 -22.59 4.36 15.61
C ALA B 78 -22.63 5.48 14.57
N SER B 79 -22.32 5.14 13.30
CA SER B 79 -22.35 6.07 12.16
C SER B 79 -23.79 6.52 11.89
N LEU B 80 -24.76 5.62 12.05
CA LEU B 80 -26.17 5.92 11.89
C LEU B 80 -26.60 6.98 12.91
N LEU B 81 -26.23 6.79 14.18
CA LEU B 81 -26.59 7.72 15.25
C LEU B 81 -25.96 9.08 15.11
N VAL B 82 -24.72 9.16 14.59
CA VAL B 82 -24.05 10.45 14.35
C VAL B 82 -24.77 11.17 13.19
N ASP B 83 -25.11 10.43 12.11
CA ASP B 83 -25.79 11.00 10.96
C ASP B 83 -27.23 11.47 11.28
N ILE B 84 -27.88 10.88 12.29
CA ILE B 84 -29.21 11.29 12.71
C ILE B 84 -29.17 12.45 13.70
N THR B 85 -28.41 12.30 14.79
CA THR B 85 -28.36 13.21 15.93
C THR B 85 -27.32 14.35 15.83
N GLU B 86 -26.28 14.19 14.97
CA GLU B 86 -25.15 15.12 14.82
C GLU B 86 -24.25 15.12 16.08
N SER B 87 -24.41 14.11 16.96
CA SER B 87 -23.67 13.98 18.22
C SER B 87 -23.12 12.58 18.46
N TRP B 88 -22.06 12.50 19.29
CA TRP B 88 -21.41 11.26 19.69
C TRP B 88 -21.96 10.76 21.01
N LEU B 89 -22.68 9.64 20.98
CA LEU B 89 -23.34 9.09 22.16
C LEU B 89 -22.68 7.87 22.79
N PHE B 90 -21.42 7.55 22.42
CA PHE B 90 -20.72 6.33 22.87
C PHE B 90 -19.49 6.50 23.79
N GLY B 91 -19.20 7.74 24.19
CA GLY B 91 -18.08 8.03 25.09
C GLY B 91 -16.72 8.18 24.43
N HIS B 92 -15.73 8.58 25.24
CA HIS B 92 -14.36 8.87 24.85
C HIS B 92 -13.61 7.70 24.24
N ALA B 93 -13.60 6.52 24.90
CA ALA B 93 -12.92 5.32 24.41
C ALA B 93 -13.40 4.90 23.04
N LEU B 94 -14.74 4.82 22.83
CA LEU B 94 -15.30 4.40 21.54
C LEU B 94 -15.14 5.45 20.45
N CYS B 95 -14.85 6.72 20.82
CA CYS B 95 -14.57 7.78 19.84
C CYS B 95 -13.21 7.50 19.17
N LYS B 96 -12.32 6.74 19.83
CA LYS B 96 -11.05 6.33 19.22
C LYS B 96 -11.21 4.98 18.52
N VAL B 97 -11.88 3.99 19.17
CA VAL B 97 -12.04 2.61 18.71
C VAL B 97 -12.92 2.47 17.44
N ILE B 98 -14.15 3.06 17.40
CA ILE B 98 -15.08 2.91 16.26
C ILE B 98 -14.51 3.58 14.98
N PRO B 99 -14.01 4.84 14.97
CA PRO B 99 -13.38 5.38 13.74
C PRO B 99 -12.18 4.57 13.28
N TYR B 100 -11.40 4.06 14.26
CA TYR B 100 -10.25 3.21 14.00
C TYR B 100 -10.65 1.91 13.27
N LEU B 101 -11.63 1.18 13.81
CA LEU B 101 -12.08 -0.09 13.19
C LEU B 101 -12.69 0.18 11.81
N GLN B 102 -13.37 1.31 11.66
CA GLN B 102 -13.98 1.67 10.35
C GLN B 102 -12.87 1.87 9.30
N THR B 103 -11.81 2.59 9.64
CA THR B 103 -10.68 2.83 8.72
C THR B 103 -9.90 1.53 8.45
N VAL B 104 -9.77 0.68 9.46
CA VAL B 104 -9.04 -0.62 9.34
C VAL B 104 -9.78 -1.47 8.31
N SER B 105 -11.11 -1.47 8.37
CA SER B 105 -12.03 -2.22 7.48
C SER B 105 -11.90 -1.74 6.02
N VAL B 106 -11.79 -0.43 5.79
CA VAL B 106 -11.61 0.09 4.40
C VAL B 106 -10.25 -0.38 3.87
N SER B 107 -9.23 -0.34 4.71
CA SER B 107 -7.86 -0.77 4.36
C SER B 107 -7.83 -2.26 4.04
N VAL B 108 -8.50 -3.09 4.85
CA VAL B 108 -8.58 -4.56 4.63
C VAL B 108 -9.32 -4.82 3.31
N ALA B 109 -10.41 -4.07 3.08
CA ALA B 109 -11.23 -4.22 1.86
C ALA B 109 -10.44 -3.95 0.58
N VAL B 110 -9.75 -2.81 0.51
CA VAL B 110 -8.98 -2.41 -0.67
C VAL B 110 -7.68 -3.23 -0.83
N LEU B 111 -7.00 -3.58 0.29
CA LEU B 111 -5.79 -4.41 0.21
C LEU B 111 -6.17 -5.81 -0.24
N THR B 112 -7.36 -6.33 0.19
CA THR B 112 -7.87 -7.64 -0.23
C THR B 112 -8.14 -7.64 -1.73
N LEU B 113 -8.84 -6.60 -2.21
CA LEU B 113 -9.11 -6.43 -3.64
C LEU B 113 -7.82 -6.31 -4.45
N SER B 114 -6.79 -5.62 -3.89
CA SER B 114 -5.48 -5.46 -4.52
C SER B 114 -4.76 -6.81 -4.63
N PHE B 115 -4.84 -7.66 -3.58
CA PHE B 115 -4.18 -8.98 -3.60
C PHE B 115 -4.90 -9.98 -4.52
N ILE B 116 -6.23 -9.87 -4.69
CA ILE B 116 -6.98 -10.70 -5.65
C ILE B 116 -6.47 -10.34 -7.08
N ALA B 117 -6.46 -9.01 -7.40
CA ALA B 117 -6.00 -8.44 -8.67
C ALA B 117 -4.59 -8.94 -8.98
N LEU B 118 -3.69 -8.87 -7.98
CA LEU B 118 -2.31 -9.30 -8.07
C LEU B 118 -2.23 -10.80 -8.38
N ASP B 119 -3.03 -11.62 -7.69
CA ASP B 119 -3.10 -13.07 -7.87
C ASP B 119 -3.57 -13.42 -9.29
N ARG B 120 -4.66 -12.81 -9.76
CA ARG B 120 -5.22 -13.02 -11.09
C ARG B 120 -4.31 -12.52 -12.19
N TRP B 121 -3.64 -11.38 -11.97
CA TRP B 121 -2.71 -10.79 -12.92
C TRP B 121 -1.51 -11.70 -13.13
N TYR B 122 -0.91 -12.22 -12.04
CA TYR B 122 0.20 -13.16 -12.18
C TYR B 122 -0.29 -14.48 -12.79
N ALA B 123 -1.39 -15.08 -12.28
CA ALA B 123 -1.89 -16.36 -12.82
C ALA B 123 -2.18 -16.33 -14.33
N ILE B 124 -2.82 -15.24 -14.80
CA ILE B 124 -3.26 -15.09 -16.19
C ILE B 124 -2.23 -14.42 -17.10
N CYS B 125 -1.61 -13.30 -16.68
CA CYS B 125 -0.69 -12.56 -17.52
C CYS B 125 0.78 -12.99 -17.40
N HIS B 126 1.25 -13.43 -16.22
CA HIS B 126 2.64 -13.87 -16.02
C HIS B 126 2.65 -15.19 -15.25
N PRO B 127 2.14 -16.28 -15.86
CA PRO B 127 1.88 -17.53 -15.13
C PRO B 127 3.01 -18.33 -14.44
N LEU B 128 4.27 -18.19 -14.78
CA LEU B 128 5.19 -19.12 -14.09
C LEU B 128 6.18 -18.47 -13.10
N LEU B 129 5.82 -17.31 -12.54
CA LEU B 129 6.69 -16.60 -11.61
C LEU B 129 6.42 -16.92 -10.14
N PHE B 130 5.19 -16.70 -9.67
CA PHE B 130 4.83 -16.93 -8.27
C PHE B 130 3.81 -18.04 -8.14
N LYS B 131 3.85 -18.80 -7.02
CA LYS B 131 2.93 -19.90 -6.74
C LYS B 131 1.66 -19.35 -6.06
N SER B 132 0.49 -19.60 -6.67
CA SER B 132 -0.81 -19.17 -6.16
C SER B 132 -1.47 -20.33 -5.37
N THR B 133 -1.30 -20.38 -4.05
CA THR B 133 -1.92 -21.43 -3.22
C THR B 133 -2.85 -20.85 -2.17
N ALA B 134 -3.80 -21.66 -1.69
CA ALA B 134 -4.77 -21.28 -0.66
C ALA B 134 -4.07 -20.98 0.67
N ARG B 135 -2.99 -21.72 0.98
CA ARG B 135 -2.20 -21.53 2.20
C ARG B 135 -1.36 -20.26 2.16
N ARG B 136 -0.92 -19.86 0.97
CA ARG B 136 -0.18 -18.62 0.78
C ARG B 136 -1.15 -17.44 0.86
N ALA B 137 -2.43 -17.65 0.45
CA ALA B 137 -3.49 -16.65 0.49
C ALA B 137 -3.82 -16.35 1.95
N LEU B 138 -3.79 -17.36 2.84
CA LEU B 138 -4.01 -17.19 4.28
C LEU B 138 -2.89 -16.36 4.93
N GLY B 139 -1.66 -16.50 4.44
CA GLY B 139 -0.51 -15.73 4.87
C GLY B 139 -0.64 -14.28 4.42
N SER B 140 -1.13 -14.06 3.18
CA SER B 140 -1.37 -12.73 2.62
C SER B 140 -2.49 -12.04 3.45
N ILE B 141 -3.57 -12.78 3.78
CA ILE B 141 -4.73 -12.32 4.58
C ILE B 141 -4.26 -11.82 5.97
N LEU B 142 -3.36 -12.57 6.65
CA LEU B 142 -2.80 -12.19 7.95
C LEU B 142 -1.96 -10.92 7.83
N GLY B 143 -1.20 -10.81 6.74
CA GLY B 143 -0.38 -9.64 6.41
C GLY B 143 -1.23 -8.40 6.20
N ILE B 144 -2.37 -8.55 5.46
CA ILE B 144 -3.36 -7.47 5.20
C ILE B 144 -3.91 -6.93 6.54
N TRP B 145 -4.27 -7.81 7.50
CA TRP B 145 -4.74 -7.41 8.82
C TRP B 145 -3.63 -6.73 9.63
N ALA B 146 -2.40 -7.30 9.66
CA ALA B 146 -1.24 -6.72 10.34
C ALA B 146 -0.94 -5.30 9.84
N VAL B 147 -0.94 -5.09 8.50
CA VAL B 147 -0.70 -3.77 7.89
C VAL B 147 -1.85 -2.78 8.23
N SER B 148 -3.10 -3.20 7.97
CA SER B 148 -4.30 -2.39 8.20
C SER B 148 -4.44 -1.93 9.64
N LEU B 149 -4.18 -2.82 10.61
CA LEU B 149 -4.28 -2.52 12.03
C LEU B 149 -3.22 -1.53 12.48
N ALA B 150 -2.03 -1.54 11.85
CA ALA B 150 -0.94 -0.64 12.19
C ALA B 150 -1.06 0.74 11.55
N ILE B 151 -1.34 0.80 10.22
CA ILE B 151 -1.37 2.06 9.48
C ILE B 151 -2.55 2.96 9.88
N MET B 152 -3.54 2.41 10.62
CA MET B 152 -4.72 3.19 11.06
C MET B 152 -4.60 3.67 12.51
N VAL B 153 -3.46 3.33 13.18
CA VAL B 153 -3.18 3.81 14.54
C VAL B 153 -3.11 5.39 14.52
N PRO B 154 -2.51 6.08 13.51
CA PRO B 154 -2.57 7.56 13.50
C PRO B 154 -3.99 8.13 13.48
N GLN B 155 -4.96 7.44 12.80
CA GLN B 155 -6.38 7.83 12.77
C GLN B 155 -6.98 7.83 14.18
N ALA B 156 -6.74 6.74 14.96
CA ALA B 156 -7.21 6.59 16.35
C ALA B 156 -6.60 7.68 17.26
N ALA B 157 -5.31 7.98 17.07
CA ALA B 157 -4.56 8.99 17.81
C ALA B 157 -5.16 10.42 17.77
N VAL B 158 -5.68 10.85 16.61
CA VAL B 158 -6.24 12.20 16.39
C VAL B 158 -7.71 12.32 16.83
N MET B 159 -8.40 11.19 17.01
CA MET B 159 -9.82 11.20 17.40
C MET B 159 -10.00 11.72 18.80
N GLU B 160 -10.87 12.70 18.94
CA GLU B 160 -11.15 13.30 20.23
C GLU B 160 -12.63 13.54 20.42
N CYS B 161 -13.10 13.26 21.65
CA CYS B 161 -14.49 13.48 22.03
C CYS B 161 -14.55 14.72 22.88
N SER B 162 -15.28 15.72 22.41
CA SER B 162 -15.41 16.99 23.12
C SER B 162 -16.86 17.43 23.22
N SER B 163 -17.26 17.92 24.40
CA SER B 163 -18.63 18.40 24.64
C SER B 163 -18.76 19.87 24.22
N VAL B 164 -20.00 20.41 24.21
CA VAL B 164 -20.28 21.81 23.84
C VAL B 164 -20.94 22.53 25.01
N PHE B 175 -24.74 17.07 22.87
CA PHE B 175 -23.66 17.91 23.37
C PHE B 175 -22.25 17.48 22.94
N SER B 176 -21.95 16.16 22.94
CA SER B 176 -20.62 15.65 22.58
C SER B 176 -20.43 15.41 21.11
N VAL B 177 -19.25 15.75 20.60
CA VAL B 177 -18.85 15.53 19.20
C VAL B 177 -17.54 14.74 19.14
N CYS B 178 -17.49 13.73 18.27
CA CYS B 178 -16.29 12.93 18.01
C CYS B 178 -15.69 13.44 16.70
N ASP B 179 -14.47 13.95 16.76
CA ASP B 179 -13.83 14.48 15.57
C ASP B 179 -12.32 14.45 15.70
N GLU B 180 -11.62 14.64 14.57
CA GLU B 180 -10.17 14.67 14.52
C GLU B 180 -9.67 15.99 15.12
N ARG B 181 -8.58 15.92 15.89
CA ARG B 181 -7.96 17.09 16.51
C ARG B 181 -6.59 17.26 15.91
N TRP B 182 -6.37 18.40 15.25
CA TRP B 182 -5.07 18.68 14.65
C TRP B 182 -4.48 19.92 15.31
N ALA B 183 -3.21 19.82 15.75
CA ALA B 183 -2.48 20.94 16.40
C ALA B 183 -2.10 22.02 15.40
N ASP B 184 -2.01 21.67 14.10
CA ASP B 184 -1.70 22.62 13.04
C ASP B 184 -2.56 22.34 11.82
N ASP B 185 -2.67 23.33 10.90
CA ASP B 185 -3.48 23.23 9.69
C ASP B 185 -2.85 22.47 8.55
N LEU B 186 -1.50 22.35 8.51
CA LEU B 186 -0.80 21.62 7.44
C LEU B 186 -0.84 20.07 7.61
N ALA B 187 -0.64 19.55 8.84
CA ALA B 187 -0.67 18.09 9.14
C ALA B 187 -1.94 17.37 8.60
N PRO B 188 -3.21 17.86 8.80
CA PRO B 188 -4.38 17.15 8.21
C PRO B 188 -4.38 17.15 6.68
N LYS B 189 -3.78 18.16 6.02
CA LYS B 189 -3.70 18.19 4.55
C LYS B 189 -2.73 17.11 4.07
N ILE B 190 -1.57 16.96 4.75
CA ILE B 190 -0.59 15.93 4.40
C ILE B 190 -1.20 14.54 4.65
N TYR B 191 -1.78 14.33 5.86
CA TYR B 191 -2.37 13.05 6.25
C TYR B 191 -3.49 12.59 5.30
N HIS B 192 -4.48 13.48 5.03
CA HIS B 192 -5.64 13.16 4.20
C HIS B 192 -5.30 13.03 2.72
N SER B 193 -4.20 13.65 2.26
CA SER B 193 -3.71 13.47 0.90
C SER B 193 -3.15 12.03 0.79
N CYS B 194 -2.39 11.57 1.81
CA CYS B 194 -1.85 10.20 1.89
C CYS B 194 -2.99 9.18 2.00
N PHE B 195 -3.96 9.43 2.91
CA PHE B 195 -5.11 8.56 3.13
C PHE B 195 -5.80 8.24 1.78
N PHE B 196 -6.15 9.29 0.99
CA PHE B 196 -6.83 9.15 -0.31
C PHE B 196 -6.05 8.31 -1.32
N ILE B 197 -4.73 8.56 -1.41
CA ILE B 197 -3.89 7.87 -2.37
C ILE B 197 -3.67 6.42 -1.99
N VAL B 198 -3.42 6.14 -0.70
CA VAL B 198 -3.17 4.79 -0.18
C VAL B 198 -4.43 3.92 -0.12
N THR B 199 -5.56 4.47 0.32
CA THR B 199 -6.81 3.70 0.48
C THR B 199 -7.73 3.73 -0.74
N TYR B 200 -7.45 4.63 -1.72
CA TYR B 200 -8.36 4.72 -2.85
C TYR B 200 -7.66 4.85 -4.23
N LEU B 201 -7.01 5.96 -4.52
CA LEU B 201 -6.50 6.25 -5.86
C LEU B 201 -5.45 5.29 -6.39
N ALA B 202 -4.31 5.08 -5.67
CA ALA B 202 -3.26 4.18 -6.16
C ALA B 202 -3.74 2.71 -6.27
N PRO B 203 -4.39 2.06 -5.26
CA PRO B 203 -4.82 0.67 -5.47
C PRO B 203 -5.85 0.48 -6.57
N LEU B 204 -6.82 1.40 -6.71
CA LEU B 204 -7.87 1.29 -7.74
C LEU B 204 -7.36 1.59 -9.16
N GLY B 205 -6.43 2.55 -9.29
CA GLY B 205 -5.76 2.85 -10.55
C GLY B 205 -4.93 1.67 -11.00
N LEU B 206 -4.17 1.05 -10.06
CA LEU B 206 -3.37 -0.16 -10.33
C LEU B 206 -4.26 -1.37 -10.68
N MET B 207 -5.38 -1.57 -9.94
CA MET B 207 -6.33 -2.67 -10.21
C MET B 207 -6.98 -2.52 -11.58
N ALA B 208 -7.38 -1.27 -11.96
CA ALA B 208 -8.00 -0.98 -13.28
C ALA B 208 -7.08 -1.42 -14.41
N MET B 209 -5.78 -1.09 -14.31
CA MET B 209 -4.74 -1.46 -15.27
C MET B 209 -4.49 -2.97 -15.29
N ALA B 210 -4.49 -3.62 -14.13
CA ALA B 210 -4.31 -5.08 -14.01
C ALA B 210 -5.45 -5.80 -14.73
N TYR B 211 -6.72 -5.40 -14.44
CA TYR B 211 -7.91 -5.99 -15.03
C TYR B 211 -8.04 -5.70 -16.50
N PHE B 212 -7.52 -4.55 -16.97
CA PHE B 212 -7.52 -4.26 -18.41
C PHE B 212 -6.59 -5.28 -19.14
N GLN B 213 -5.44 -5.62 -18.53
CA GLN B 213 -4.50 -6.59 -19.08
C GLN B 213 -5.06 -8.01 -19.00
N ILE B 214 -5.77 -8.36 -17.90
CA ILE B 214 -6.41 -9.67 -17.74
C ILE B 214 -7.50 -9.79 -18.84
N PHE B 215 -8.29 -8.71 -19.05
CA PHE B 215 -9.34 -8.62 -20.06
C PHE B 215 -8.78 -8.91 -21.44
N ARG B 216 -7.66 -8.24 -21.81
CA ARG B 216 -7.00 -8.45 -23.11
C ARG B 216 -6.52 -9.87 -23.28
N LYS B 217 -5.99 -10.50 -22.21
CA LYS B 217 -5.49 -11.86 -22.25
C LYS B 217 -6.63 -12.88 -22.37
N LEU B 218 -7.67 -12.77 -21.52
CA LEU B 218 -8.79 -13.72 -21.52
C LEU B 218 -9.72 -13.61 -22.70
N TRP B 219 -9.97 -12.39 -23.19
CA TRP B 219 -10.86 -12.13 -24.32
C TRP B 219 -10.12 -11.85 -25.64
N GLY B 220 -8.81 -12.12 -25.66
CA GLY B 220 -7.97 -12.01 -26.86
C GLY B 220 -7.96 -13.27 -27.69
N ARG B 221 -6.94 -13.43 -28.58
CA ARG B 221 -6.76 -14.57 -29.49
C ARG B 221 -6.75 -15.94 -28.79
N PRO B 224 -7.46 -23.20 -28.87
CA PRO B 224 -6.99 -24.53 -29.27
C PRO B 224 -7.96 -25.63 -28.83
N GLY B 225 -9.02 -25.80 -29.62
CA GLY B 225 -10.06 -26.78 -29.37
C GLY B 225 -11.05 -26.27 -28.33
N THR B 226 -11.74 -27.21 -27.64
CA THR B 226 -12.73 -26.92 -26.60
C THR B 226 -12.77 -27.94 -25.46
N THR B 227 -12.36 -29.19 -25.75
CA THR B 227 -12.38 -30.29 -24.77
C THR B 227 -11.14 -30.20 -23.86
N SER B 228 -10.06 -29.52 -24.31
CA SER B 228 -8.83 -29.37 -23.52
C SER B 228 -9.05 -28.64 -22.17
N ALA B 229 -8.23 -29.00 -21.15
CA ALA B 229 -8.30 -28.43 -19.79
C ALA B 229 -8.05 -26.89 -19.79
N GLU B 230 -7.24 -26.45 -20.75
CA GLU B 230 -6.83 -25.03 -20.94
C GLU B 230 -8.03 -24.21 -21.45
N VAL B 231 -8.76 -24.72 -22.44
CA VAL B 231 -9.97 -24.03 -22.96
C VAL B 231 -11.04 -23.97 -21.86
N LYS B 232 -11.19 -25.07 -21.12
CA LYS B 232 -12.18 -25.16 -20.02
C LYS B 232 -11.81 -24.14 -18.93
N GLN B 233 -10.52 -24.05 -18.61
CA GLN B 233 -9.97 -23.13 -17.57
C GLN B 233 -10.19 -21.68 -17.99
N MET B 234 -9.99 -21.37 -19.27
CA MET B 234 -10.17 -20.00 -19.80
C MET B 234 -11.61 -19.49 -19.65
N ARG B 235 -12.59 -20.33 -19.95
CA ARG B 235 -14.02 -19.93 -19.82
C ARG B 235 -14.40 -19.74 -18.35
N ALA B 236 -13.82 -20.54 -17.47
CA ALA B 236 -14.02 -20.45 -16.01
C ALA B 236 -13.40 -19.13 -15.55
N ARG B 237 -12.21 -18.82 -16.05
CA ARG B 237 -11.46 -17.59 -15.69
C ARG B 237 -12.23 -16.35 -16.13
N ARG B 238 -12.84 -16.38 -17.30
CA ARG B 238 -13.63 -15.24 -17.82
C ARG B 238 -14.77 -14.93 -16.86
N LYS B 239 -15.48 -15.96 -16.39
CA LYS B 239 -16.60 -15.81 -15.47
C LYS B 239 -16.14 -15.16 -14.15
N THR B 240 -15.03 -15.64 -13.58
CA THR B 240 -14.46 -15.09 -12.33
C THR B 240 -13.94 -13.66 -12.52
N ALA B 241 -13.18 -13.39 -13.63
CA ALA B 241 -12.65 -12.06 -13.93
C ALA B 241 -13.77 -11.06 -14.10
N LYS B 242 -14.84 -11.43 -14.85
CA LYS B 242 -16.03 -10.60 -15.08
C LYS B 242 -16.66 -10.25 -13.73
N MET B 243 -16.78 -11.22 -12.80
CA MET B 243 -17.33 -10.99 -11.46
C MET B 243 -16.44 -10.02 -10.66
N LEU B 244 -15.12 -10.26 -10.67
CA LEU B 244 -14.14 -9.44 -9.96
C LEU B 244 -14.07 -8.01 -10.45
N MET B 245 -14.20 -7.81 -11.77
CA MET B 245 -14.23 -6.48 -12.39
C MET B 245 -15.46 -5.69 -11.89
N VAL B 246 -16.61 -6.38 -11.73
CA VAL B 246 -17.85 -5.78 -11.23
C VAL B 246 -17.68 -5.36 -9.75
N VAL B 247 -17.07 -6.24 -8.91
CA VAL B 247 -16.81 -5.98 -7.49
C VAL B 247 -15.92 -4.73 -7.37
N VAL B 248 -14.83 -4.66 -8.16
CA VAL B 248 -13.89 -3.52 -8.17
C VAL B 248 -14.59 -2.23 -8.65
N LEU B 249 -15.39 -2.31 -9.71
CA LEU B 249 -16.13 -1.15 -10.21
C LEU B 249 -17.16 -0.63 -9.18
N VAL B 250 -17.91 -1.53 -8.52
CA VAL B 250 -18.90 -1.18 -7.48
C VAL B 250 -18.18 -0.57 -6.23
N PHE B 251 -17.00 -1.11 -5.86
CA PHE B 251 -16.18 -0.59 -4.76
C PHE B 251 -15.71 0.86 -5.11
N ALA B 252 -15.20 1.06 -6.36
CA ALA B 252 -14.74 2.34 -6.88
C ALA B 252 -15.86 3.39 -6.79
N LEU B 253 -17.09 3.03 -7.20
CA LEU B 253 -18.26 3.90 -7.16
C LEU B 253 -18.79 4.19 -5.75
N CYS B 254 -18.86 3.17 -4.86
CA CYS B 254 -19.33 3.34 -3.47
C CYS B 254 -18.43 4.19 -2.59
N TYR B 255 -17.12 4.10 -2.84
CA TYR B 255 -16.09 4.80 -2.06
C TYR B 255 -15.66 6.13 -2.67
N LEU B 256 -16.12 6.45 -3.91
CA LEU B 256 -15.80 7.70 -4.58
C LEU B 256 -16.37 8.94 -3.84
N PRO B 257 -17.68 9.03 -3.48
CA PRO B 257 -18.14 10.25 -2.78
C PRO B 257 -17.40 10.53 -1.46
N ILE B 258 -17.26 9.55 -0.56
CA ILE B 258 -16.62 9.75 0.75
C ILE B 258 -15.15 10.16 0.63
N SER B 259 -14.41 9.56 -0.32
CA SER B 259 -12.99 9.84 -0.60
C SER B 259 -12.80 11.25 -1.11
N VAL B 260 -13.63 11.66 -2.09
CA VAL B 260 -13.63 12.98 -2.68
C VAL B 260 -14.03 14.03 -1.65
N LEU B 261 -15.16 13.82 -0.94
CA LEU B 261 -15.63 14.74 0.10
C LEU B 261 -14.58 14.96 1.21
N ASN B 262 -13.87 13.87 1.62
CA ASN B 262 -12.82 13.94 2.65
C ASN B 262 -11.65 14.83 2.22
N VAL B 263 -11.20 14.67 0.97
CA VAL B 263 -10.12 15.47 0.38
C VAL B 263 -10.55 16.95 0.27
N LEU B 264 -11.74 17.22 -0.27
CA LEU B 264 -12.23 18.59 -0.43
C LEU B 264 -12.36 19.31 0.91
N LYS B 265 -12.79 18.59 1.95
CA LYS B 265 -12.93 19.14 3.29
C LYS B 265 -11.58 19.34 3.98
N ARG B 266 -10.77 18.29 4.06
CA ARG B 266 -9.51 18.27 4.80
C ARG B 266 -8.32 18.86 4.10
N VAL B 267 -8.22 18.73 2.79
CA VAL B 267 -7.09 19.27 2.00
C VAL B 267 -7.41 20.63 1.42
N PHE B 268 -8.63 20.82 0.87
CA PHE B 268 -8.98 22.08 0.20
C PHE B 268 -9.83 23.06 1.02
N GLY B 269 -10.05 22.75 2.31
CA GLY B 269 -10.80 23.63 3.23
C GLY B 269 -12.18 24.05 2.76
N MET B 270 -12.89 23.14 2.08
CA MET B 270 -14.23 23.37 1.55
C MET B 270 -15.32 23.07 2.56
N PHE B 271 -16.55 23.48 2.24
CA PHE B 271 -17.79 23.28 3.01
C PHE B 271 -17.85 24.10 4.34
N ARG B 272 -17.05 25.19 4.43
CA ARG B 272 -17.00 26.11 5.58
C ARG B 272 -17.92 27.34 5.32
N GLN B 273 -19.22 27.05 5.13
CA GLN B 273 -20.28 28.03 4.85
C GLN B 273 -21.60 27.57 5.44
N ALA B 274 -22.40 28.50 5.96
CA ALA B 274 -23.68 28.21 6.58
C ALA B 274 -24.82 28.05 5.58
N SER B 275 -24.71 28.69 4.40
CA SER B 275 -25.74 28.73 3.35
C SER B 275 -26.23 27.35 2.85
N ASP B 276 -25.33 26.43 2.44
CA ASP B 276 -25.78 25.14 1.90
C ASP B 276 -25.53 23.96 2.85
N ARG B 277 -25.62 24.24 4.16
CA ARG B 277 -25.29 23.27 5.23
C ARG B 277 -26.11 21.99 5.16
N GLU B 278 -27.42 22.09 4.91
CA GLU B 278 -28.29 20.93 4.82
C GLU B 278 -27.86 19.99 3.68
N ALA B 279 -27.52 20.55 2.50
CA ALA B 279 -27.07 19.83 1.31
C ALA B 279 -25.71 19.18 1.52
N VAL B 280 -24.81 19.88 2.24
CA VAL B 280 -23.46 19.44 2.56
C VAL B 280 -23.51 18.23 3.49
N TYR B 281 -24.28 18.35 4.59
CA TYR B 281 -24.47 17.29 5.58
C TYR B 281 -25.22 16.09 5.02
N ALA B 282 -26.16 16.30 4.03
CA ALA B 282 -26.87 15.20 3.37
C ALA B 282 -25.90 14.42 2.47
N ALA B 283 -24.98 15.15 1.75
CA ALA B 283 -23.98 14.55 0.84
C ALA B 283 -23.04 13.66 1.64
N PHE B 284 -22.58 14.15 2.81
CA PHE B 284 -21.70 13.40 3.73
C PHE B 284 -22.42 12.19 4.29
N THR B 285 -23.71 12.30 4.60
CA THR B 285 -24.49 11.17 5.10
C THR B 285 -24.72 10.14 4.00
N PHE B 286 -24.99 10.60 2.76
CA PHE B 286 -25.17 9.71 1.63
C PHE B 286 -23.88 8.93 1.33
N SER B 287 -22.72 9.61 1.45
CA SER B 287 -21.41 9.01 1.24
C SER B 287 -21.07 7.93 2.30
N HIS B 288 -21.56 8.14 3.55
CA HIS B 288 -21.39 7.20 4.68
C HIS B 288 -22.23 5.98 4.41
N TRP B 289 -23.51 6.20 4.04
CA TRP B 289 -24.43 5.11 3.74
C TRP B 289 -23.93 4.25 2.57
N LEU B 290 -23.36 4.89 1.51
CA LEU B 290 -22.82 4.21 0.33
C LEU B 290 -21.70 3.22 0.65
N VAL B 291 -20.87 3.53 1.68
CA VAL B 291 -19.79 2.66 2.14
C VAL B 291 -20.42 1.38 2.65
N TYR B 292 -21.44 1.51 3.52
CA TYR B 292 -22.17 0.39 4.12
C TYR B 292 -23.01 -0.39 3.09
N ALA B 293 -23.57 0.31 2.08
CA ALA B 293 -24.32 -0.30 0.98
C ALA B 293 -23.40 -1.25 0.19
N ASN B 294 -22.07 -0.94 0.13
CA ASN B 294 -21.10 -1.79 -0.55
C ASN B 294 -20.97 -3.17 0.11
N SER B 295 -21.04 -3.25 1.47
CA SER B 295 -20.99 -4.50 2.24
C SER B 295 -22.17 -5.40 1.88
N ALA B 296 -23.34 -4.77 1.61
CA ALA B 296 -24.57 -5.45 1.20
C ALA B 296 -24.50 -5.89 -0.28
N ALA B 297 -23.84 -5.08 -1.13
CA ALA B 297 -23.73 -5.30 -2.58
C ALA B 297 -22.93 -6.57 -2.98
N ASN B 298 -21.73 -6.77 -2.41
CA ASN B 298 -20.82 -7.87 -2.75
C ASN B 298 -21.48 -9.27 -2.73
N PRO B 299 -22.17 -9.72 -1.65
CA PRO B 299 -22.85 -11.04 -1.73
C PRO B 299 -23.90 -11.12 -2.85
N ILE B 300 -24.63 -10.00 -3.13
CA ILE B 300 -25.63 -9.92 -4.20
C ILE B 300 -24.93 -10.08 -5.58
N ILE B 301 -23.72 -9.48 -5.74
CA ILE B 301 -22.89 -9.60 -6.96
C ILE B 301 -22.48 -11.08 -7.16
N TYR B 302 -22.00 -11.77 -6.09
CA TYR B 302 -21.59 -13.19 -6.16
C TYR B 302 -22.77 -14.06 -6.56
N ASN B 303 -23.95 -13.76 -6.02
CA ASN B 303 -25.16 -14.49 -6.33
C ASN B 303 -25.49 -14.45 -7.82
N PHE B 304 -25.36 -13.28 -8.48
CA PHE B 304 -25.70 -13.15 -9.89
C PHE B 304 -24.58 -13.51 -10.85
N LEU B 305 -23.31 -13.37 -10.43
CA LEU B 305 -22.18 -13.61 -11.34
C LEU B 305 -21.33 -14.86 -11.01
N SER B 306 -21.76 -15.67 -10.01
CA SER B 306 -21.12 -16.93 -9.65
C SER B 306 -22.18 -17.98 -9.41
N GLY B 307 -22.20 -18.99 -10.28
CA GLY B 307 -23.10 -20.12 -10.17
C GLY B 307 -22.86 -20.95 -8.93
N LYS B 308 -21.60 -20.98 -8.46
CA LYS B 308 -21.16 -21.70 -7.27
C LYS B 308 -21.72 -21.08 -6.00
N PHE B 309 -21.62 -19.74 -5.85
CA PHE B 309 -22.20 -19.01 -4.71
C PHE B 309 -23.72 -19.03 -4.79
N ARG B 310 -24.30 -18.84 -6.00
CA ARG B 310 -25.75 -18.85 -6.22
C ARG B 310 -26.39 -20.15 -5.69
N GLU B 311 -25.74 -21.28 -5.98
CA GLU B 311 -26.15 -22.63 -5.57
C GLU B 311 -26.17 -22.75 -4.04
N GLN B 312 -25.17 -22.15 -3.36
CA GLN B 312 -25.03 -22.19 -1.91
C GLN B 312 -26.07 -21.30 -1.22
N PHE B 313 -26.27 -20.07 -1.74
CA PHE B 313 -27.27 -19.13 -1.23
C PHE B 313 -28.67 -19.71 -1.42
N LYS B 314 -28.93 -20.35 -2.58
CA LYS B 314 -30.22 -21.00 -2.89
C LYS B 314 -30.49 -22.12 -1.87
N ALA B 315 -29.46 -22.93 -1.54
CA ALA B 315 -29.53 -24.00 -0.55
C ALA B 315 -29.78 -23.45 0.86
N ALA B 316 -29.15 -22.31 1.21
CA ALA B 316 -29.30 -21.63 2.50
C ALA B 316 -30.72 -21.17 2.74
N PHE B 317 -31.36 -20.54 1.74
CA PHE B 317 -32.73 -20.06 1.85
C PHE B 317 -33.81 -21.12 1.60
N SER B 318 -33.52 -22.18 0.82
CA SER B 318 -34.49 -23.24 0.49
C SER B 318 -34.45 -24.45 1.41
N TRP B 319 -33.30 -24.72 2.03
CA TRP B 319 -33.11 -25.91 2.84
C TRP B 319 -32.50 -25.68 4.22
N TRP B 320 -31.29 -25.09 4.30
CA TRP B 320 -30.57 -24.86 5.56
C TRP B 320 -31.35 -24.04 6.60
N LEU B 321 -31.65 -22.75 6.30
CA LEU B 321 -32.41 -21.84 7.19
C LEU B 321 -33.85 -22.34 7.45
N PRO B 322 -34.66 -22.78 6.43
CA PRO B 322 -36.00 -23.33 6.77
C PRO B 322 -35.96 -24.53 7.73
N GLY B 323 -34.87 -25.31 7.66
CA GLY B 323 -34.65 -26.46 8.53
C GLY B 323 -34.29 -26.09 9.95
N LEU B 324 -33.43 -25.04 10.09
CA LEU B 324 -33.00 -24.48 11.38
C LEU B 324 -34.20 -23.82 12.07
N ALA B 325 -35.04 -23.09 11.28
CA ALA B 325 -36.26 -22.43 11.75
C ALA B 325 -37.27 -23.45 12.28
N ALA B 326 -37.33 -24.64 11.63
CA ALA B 326 -38.18 -25.77 12.02
C ALA B 326 -37.70 -26.39 13.33
N ALA B 327 -36.36 -26.36 13.57
CA ALA B 327 -35.74 -26.88 14.80
C ALA B 327 -35.58 -25.78 15.83
#